data_5SY7
#
_entry.id   5SY7
#
_cell.length_a   64.831
_cell.length_b   64.831
_cell.length_c   249.102
_cell.angle_alpha   90.000
_cell.angle_beta   90.000
_cell.angle_gamma   90.000
#
_symmetry.space_group_name_H-M   'P 43'
#
loop_
_entity.id
_entity.type
_entity.pdbx_description
1 polymer 'Aryl hydrocarbon receptor nuclear translocator'
2 polymer 'Neuronal PAS domain-containing protein 3'
3 polymer "DNA (5'-D(*GP*GP*CP*TP*GP*CP*GP*TP*AP*CP*GP*TP*GP*CP*GP*GP*GP*TP*CP*GP*T)-3')"
4 polymer "DNA (5'-D(*CP*AP*CP*GP*AP*CP*CP*CP*GP*CP*AP*CP*GP*TP*AP*CP*GP*CP*AP*GP*C)-3')"
#
loop_
_entity_poly.entity_id
_entity_poly.type
_entity_poly.pdbx_seq_one_letter_code
_entity_poly.pdbx_strand_id
1 'polypeptide(L)'
;MSSADKERLARENHSEIERRRRNKMTAYITELSDMVPTCSALARKPDKLTILRMAVSHMKSLRGTGNTSTDGSYKPSFLT
DQELKHLILEAADGFLFIVSCETGRVVYVSDSVTPVLNQPQSEWFGSTLYDQVHPDDVDKLREQLSTSENALTGRVLDLK
TGTVKKEGQQSSMRMCMGSRRSFICRMRCGTSSVDPVSMNRLSFLRNRCRNGLGSVKEGEPHFVVVHCTGYIKAWPPAGV
SLPDDDPEAGQGSKFCLVAIGRLQVTSSPNCTDMSNICQPTEFISRHNIEGIFTFVDHRCVATVGYQPQELLGKNIVEFC
HPEDQQLLRDSFQQVVKLKGQVLSVMFRFRSKTREWLWMRTSSFTFQNPYSDEIEYIICTNTNV
;
A
2 'polypeptide(L)'
;MIQALRKEKSRDAARSRRGKENFEFYELAKLLPLPAAITSQLDKASIIRLTISYLKMRDFANQGDPPWNLRMEGPPPNTS
VKGAQRRRSPSALAIEVFEAHLGSHILQSLDGFVFALNQEGKFLYISETVSIYLGLSQVELTGSSVFDYVHPGDHVEMAE
QLGMKLPPGRGLLSQGTTEDAASSASSSSQSETPEPVETTSPSLLTTDNTLERSFFIRMKSTLTKRGVHIKSSGYKVIHI
TGRLRLRVSLSHGRTVPSQIMGLVVVAHALPPPTINEVRIDCHMFVTRVNMDLNIIYCENRISDYMDLTPVDIVGKRCYH
FIHAEDVEGIRHSHLDLLNKGQCVTKYYRWMQKNGGYIWIQSSATIAINAKNANEKNIIWVNYLLSNPEYKDTPMDIAQL
PHVEHHHHHH
;
B
3 'polydeoxyribonucleotide'
;(DG)(DG)(DC)(DT)(DG)(DC)(DG)(DT)(DA)(DC)(DG)(DT)(DG)(DC)(DG)(DG)(DG)(DT)(DC)(DG)
(DT)
;
C
4 'polydeoxyribonucleotide'
;(DC)(DA)(DC)(DG)(DA)(DC)(DC)(DC)(DG)(DC)(DA)(DC)(DG)(DT)(DA)(DC)(DG)(DC)(DA)(DG)
(DC)
;
D
#
loop_
_chem_comp.id
_chem_comp.type
_chem_comp.name
_chem_comp.formula
DA DNA linking 2'-DEOXYADENOSINE-5'-MONOPHOSPHATE 'C10 H14 N5 O6 P'
DC DNA linking 2'-DEOXYCYTIDINE-5'-MONOPHOSPHATE 'C9 H14 N3 O7 P'
DG DNA linking 2'-DEOXYGUANOSINE-5'-MONOPHOSPHATE 'C10 H14 N5 O7 P'
DT DNA linking THYMIDINE-5'-MONOPHOSPHATE 'C10 H15 N2 O8 P'
#
# COMPACT_ATOMS: atom_id res chain seq x y z
N LEU A 9 -32.80 32.87 -16.26
CA LEU A 9 -31.75 31.85 -16.23
C LEU A 9 -31.46 31.40 -14.81
N ALA A 10 -32.06 32.09 -13.83
CA ALA A 10 -31.87 31.78 -12.43
C ALA A 10 -33.11 31.21 -11.75
N ARG A 11 -34.29 31.34 -12.35
CA ARG A 11 -35.49 30.75 -11.77
C ARG A 11 -35.51 29.24 -11.93
N GLU A 12 -35.20 28.76 -13.14
CA GLU A 12 -35.23 27.33 -13.44
C GLU A 12 -34.04 26.61 -12.83
N ASN A 13 -32.84 27.17 -12.99
CA ASN A 13 -31.65 26.65 -12.32
C ASN A 13 -31.90 26.43 -10.83
N HIS A 14 -32.62 27.36 -10.20
CA HIS A 14 -32.85 27.31 -8.76
C HIS A 14 -33.99 26.38 -8.36
N SER A 15 -35.09 26.38 -9.12
CA SER A 15 -36.15 25.42 -8.84
C SER A 15 -35.65 23.99 -9.00
N GLU A 16 -34.76 23.75 -9.96
CA GLU A 16 -34.21 22.41 -10.14
C GLU A 16 -33.12 22.09 -9.12
N ILE A 17 -32.32 23.08 -8.71
CA ILE A 17 -31.42 22.87 -7.59
C ILE A 17 -32.20 22.44 -6.35
N GLU A 18 -33.31 23.14 -6.07
CA GLU A 18 -34.10 22.80 -4.89
C GLU A 18 -34.72 21.42 -5.02
N ARG A 19 -35.23 21.08 -6.20
CA ARG A 19 -35.73 19.71 -6.40
C ARG A 19 -34.65 18.68 -6.11
N ARG A 20 -33.43 18.91 -6.62
CA ARG A 20 -32.30 18.05 -6.26
C ARG A 20 -32.14 17.94 -4.75
N ARG A 21 -32.29 19.07 -4.05
CA ARG A 21 -32.15 19.07 -2.60
C ARG A 21 -33.25 18.25 -1.92
N ARG A 22 -34.44 18.19 -2.52
CA ARG A 22 -35.52 17.44 -1.91
C ARG A 22 -35.33 15.95 -2.13
N ASN A 23 -34.96 15.56 -3.35
CA ASN A 23 -34.60 14.16 -3.61
C ASN A 23 -33.47 13.71 -2.69
N LYS A 24 -32.42 14.52 -2.61
CA LYS A 24 -31.27 14.22 -1.76
C LYS A 24 -31.69 14.09 -0.30
N MET A 25 -32.21 15.18 0.27
CA MET A 25 -32.62 15.19 1.67
C MET A 25 -33.53 14.01 2.01
N THR A 26 -34.66 13.90 1.32
CA THR A 26 -35.58 12.79 1.60
C THR A 26 -34.92 11.44 1.39
N ALA A 27 -33.86 11.37 0.57
CA ALA A 27 -33.10 10.13 0.44
C ALA A 27 -32.21 9.87 1.65
N TYR A 28 -31.68 10.91 2.28
CA TYR A 28 -31.03 10.73 3.57
C TYR A 28 -32.04 10.29 4.63
N ILE A 29 -33.24 10.86 4.59
CA ILE A 29 -34.27 10.51 5.57
C ILE A 29 -34.65 9.05 5.44
N THR A 30 -34.96 8.62 4.22
CA THR A 30 -35.38 7.24 4.02
C THR A 30 -34.22 6.27 4.17
N GLU A 31 -33.00 6.72 3.86
CA GLU A 31 -31.82 5.88 4.06
C GLU A 31 -31.58 5.63 5.53
N LEU A 32 -31.69 6.68 6.35
CA LEU A 32 -31.58 6.56 7.80
C LEU A 32 -32.79 5.88 8.41
N SER A 33 -33.89 5.78 7.67
CA SER A 33 -35.09 5.12 8.19
C SER A 33 -34.82 3.66 8.49
N ASP A 34 -34.20 2.94 7.56
CA ASP A 34 -33.89 1.52 7.72
C ASP A 34 -32.56 1.30 8.45
N MET A 35 -31.99 2.34 9.04
CA MET A 35 -30.77 2.24 9.83
C MET A 35 -31.09 2.02 11.31
N VAL A 36 -31.77 2.99 11.93
CA VAL A 36 -32.25 2.87 13.30
C VAL A 36 -33.31 1.78 13.32
N PRO A 37 -33.06 0.65 13.99
CA PRO A 37 -33.96 -0.51 13.86
C PRO A 37 -35.39 -0.28 14.36
N THR A 38 -35.65 0.78 15.10
CA THR A 38 -37.02 1.12 15.47
C THR A 38 -37.88 1.29 14.22
N CYS A 39 -37.40 2.08 13.26
CA CYS A 39 -38.15 2.33 12.03
C CYS A 39 -38.10 1.16 11.05
N SER A 40 -37.11 0.28 11.18
CA SER A 40 -37.02 -0.87 10.29
C SER A 40 -37.81 -2.07 10.79
N ALA A 41 -38.22 -2.07 12.06
CA ALA A 41 -39.11 -3.10 12.58
C ALA A 41 -40.57 -2.68 12.54
N LEU A 42 -40.85 -1.39 12.38
CA LEU A 42 -42.21 -0.87 12.44
C LEU A 42 -43.01 -1.39 11.24
N ALA A 43 -44.34 -1.35 11.37
CA ALA A 43 -45.21 -1.84 10.31
C ALA A 43 -45.03 -1.03 9.03
N ARG A 44 -45.28 0.28 9.09
CA ARG A 44 -45.30 1.14 7.90
C ARG A 44 -44.37 2.33 8.10
N LYS A 45 -44.19 3.09 7.02
CA LYS A 45 -43.22 4.20 7.04
C LYS A 45 -43.74 5.32 7.94
N PRO A 46 -42.93 5.81 8.88
CA PRO A 46 -43.42 6.72 9.90
C PRO A 46 -43.41 8.16 9.41
N ASP A 47 -43.85 9.06 10.29
CA ASP A 47 -43.71 10.49 10.05
C ASP A 47 -42.24 10.88 10.07
N LYS A 48 -41.85 11.74 9.13
CA LYS A 48 -40.48 12.24 9.09
C LYS A 48 -40.01 12.72 10.46
N LEU A 49 -40.80 13.60 11.09
CA LEU A 49 -40.51 14.04 12.44
C LEU A 49 -40.27 12.86 13.38
N THR A 50 -41.31 12.05 13.60
CA THR A 50 -41.19 10.90 14.50
C THR A 50 -40.02 9.99 14.10
N ILE A 51 -39.74 9.88 12.80
CA ILE A 51 -38.56 9.15 12.34
C ILE A 51 -37.32 9.71 13.03
N LEU A 52 -37.06 11.00 12.88
CA LEU A 52 -35.81 11.53 13.41
C LEU A 52 -35.84 11.74 14.93
N ARG A 53 -37.03 11.76 15.54
CA ARG A 53 -37.09 11.66 17.00
C ARG A 53 -36.60 10.29 17.46
N MET A 54 -37.07 9.22 16.79
CA MET A 54 -36.52 7.89 17.02
C MET A 54 -35.02 7.87 16.80
N ALA A 55 -34.55 8.66 15.82
CA ALA A 55 -33.12 8.67 15.48
C ALA A 55 -32.29 9.28 16.60
N VAL A 56 -32.72 10.41 17.17
CA VAL A 56 -31.98 11.01 18.26
C VAL A 56 -32.12 10.17 19.53
N SER A 57 -33.29 9.59 19.75
CA SER A 57 -33.49 8.69 20.89
C SER A 57 -32.47 7.56 20.85
N HIS A 58 -32.39 6.85 19.72
CA HIS A 58 -31.51 5.69 19.61
C HIS A 58 -30.06 6.08 19.40
N MET A 59 -29.80 7.32 18.97
CA MET A 59 -28.42 7.80 18.85
C MET A 59 -27.86 8.19 20.21
N LYS A 60 -28.64 8.88 21.03
CA LYS A 60 -28.24 9.18 22.41
C LYS A 60 -27.96 7.89 23.19
N SER A 61 -28.51 6.76 22.73
CA SER A 61 -28.40 5.47 23.42
C SER A 61 -26.97 4.92 23.39
N LEU A 62 -26.03 5.72 22.90
CA LEU A 62 -24.62 5.31 22.84
C LEU A 62 -23.75 6.20 23.74
N PRO A 76 -9.80 11.74 18.13
CA PRO A 76 -10.85 10.78 18.53
C PRO A 76 -12.23 11.16 18.00
N SER A 77 -12.53 10.74 16.77
CA SER A 77 -13.80 11.01 16.11
C SER A 77 -14.40 9.70 15.64
N PHE A 78 -15.71 9.54 15.84
CA PHE A 78 -16.48 8.39 15.34
C PHE A 78 -16.06 7.05 15.94
N LEU A 79 -14.77 6.79 16.02
CA LEU A 79 -14.26 5.50 16.45
C LEU A 79 -13.62 5.58 17.82
N THR A 80 -13.81 4.52 18.62
CA THR A 80 -13.20 4.41 19.92
C THR A 80 -11.71 4.12 19.78
N ASP A 81 -11.01 4.06 20.91
CA ASP A 81 -9.59 3.72 20.89
C ASP A 81 -9.40 2.27 20.45
N GLN A 82 -10.30 1.38 20.91
CA GLN A 82 -10.30 -0.01 20.46
C GLN A 82 -10.53 -0.10 18.96
N GLU A 83 -11.64 0.48 18.47
CA GLU A 83 -12.01 0.31 17.07
C GLU A 83 -10.98 0.92 16.12
N LEU A 84 -10.27 1.95 16.56
CA LEU A 84 -9.20 2.55 15.77
C LEU A 84 -7.91 1.74 15.85
N LYS A 85 -7.65 1.10 16.99
CA LYS A 85 -6.55 0.14 17.08
C LYS A 85 -6.76 -1.03 16.13
N HIS A 86 -7.87 -1.75 16.32
CA HIS A 86 -8.22 -2.88 15.48
C HIS A 86 -8.30 -2.48 14.01
N LEU A 87 -8.77 -1.26 13.73
CA LEU A 87 -8.84 -0.80 12.34
C LEU A 87 -7.45 -0.53 11.77
N ILE A 88 -6.51 -0.06 12.60
CA ILE A 88 -5.14 0.04 12.15
C ILE A 88 -4.58 -1.35 11.86
N LEU A 89 -4.95 -2.33 12.70
CA LEU A 89 -4.44 -3.69 12.58
C LEU A 89 -4.94 -4.37 11.30
N GLU A 90 -6.27 -4.43 11.13
CA GLU A 90 -6.82 -4.93 9.87
C GLU A 90 -6.30 -4.13 8.69
N ALA A 91 -6.20 -2.82 8.86
CA ALA A 91 -5.74 -1.93 7.80
C ALA A 91 -4.40 -2.39 7.24
N ALA A 92 -3.36 -2.32 8.05
CA ALA A 92 -2.04 -2.69 7.54
C ALA A 92 -1.16 -3.16 8.69
N ASP A 93 -1.65 -4.16 9.42
CA ASP A 93 -0.84 -4.90 10.40
C ASP A 93 -0.09 -3.95 11.32
N GLY A 94 -0.75 -2.84 11.68
CA GLY A 94 -0.11 -1.78 12.43
C GLY A 94 -0.30 -1.92 13.93
N PHE A 95 0.80 -1.69 14.67
CA PHE A 95 0.78 -1.70 16.13
C PHE A 95 1.56 -0.50 16.65
N LEU A 96 1.05 0.09 17.73
CA LEU A 96 1.71 1.21 18.38
C LEU A 96 2.82 0.73 19.32
N PHE A 97 3.91 1.47 19.35
CA PHE A 97 4.94 1.25 20.36
C PHE A 97 5.62 2.57 20.66
N ILE A 98 6.13 2.68 21.89
CA ILE A 98 6.84 3.86 22.38
C ILE A 98 8.10 3.37 23.08
N VAL A 99 9.26 3.84 22.59
CA VAL A 99 10.55 3.51 23.18
C VAL A 99 11.23 4.82 23.60
N SER A 100 12.36 4.69 24.28
CA SER A 100 13.14 5.86 24.69
C SER A 100 14.06 6.29 23.56
N CYS A 101 14.29 7.61 23.45
CA CYS A 101 15.08 8.17 22.37
C CYS A 101 16.57 8.26 22.71
N GLU A 102 17.08 7.36 23.55
CA GLU A 102 18.52 7.25 23.79
C GLU A 102 18.87 5.80 24.11
N THR A 103 18.09 5.22 25.01
CA THR A 103 18.31 3.84 25.45
C THR A 103 17.77 2.84 24.43
N GLY A 104 16.53 3.04 23.99
CA GLY A 104 15.81 2.06 23.21
C GLY A 104 14.81 1.26 24.02
N ARG A 105 14.65 1.58 25.30
CA ARG A 105 13.72 0.86 26.17
C ARG A 105 12.29 1.01 25.70
N VAL A 106 11.67 -0.11 25.33
CA VAL A 106 10.26 -0.15 24.96
C VAL A 106 9.43 0.13 26.20
N VAL A 107 9.01 1.38 26.38
CA VAL A 107 8.18 1.74 27.53
C VAL A 107 6.70 1.52 27.27
N TYR A 108 6.30 1.26 26.03
CA TYR A 108 4.94 0.83 25.77
C TYR A 108 4.86 0.09 24.45
N VAL A 109 3.89 -0.82 24.35
CA VAL A 109 3.51 -1.43 23.10
C VAL A 109 2.04 -1.83 23.20
N SER A 110 1.33 -1.69 22.09
CA SER A 110 -0.04 -2.18 22.04
C SER A 110 -0.05 -3.67 21.78
N ASP A 111 -1.16 -4.31 22.14
CA ASP A 111 -1.27 -5.76 21.99
C ASP A 111 -1.32 -6.20 20.53
N SER A 112 -1.57 -5.28 19.60
CA SER A 112 -1.62 -5.62 18.18
C SER A 112 -0.33 -6.28 17.72
N VAL A 113 0.75 -6.16 18.49
CA VAL A 113 2.02 -6.80 18.14
C VAL A 113 1.85 -8.31 17.98
N THR A 114 0.91 -8.93 18.71
CA THR A 114 0.77 -10.38 18.62
C THR A 114 0.30 -10.84 17.25
N PRO A 115 -0.80 -10.32 16.68
CA PRO A 115 -1.14 -10.72 15.30
C PRO A 115 -0.28 -10.06 14.24
N VAL A 116 0.79 -9.38 14.64
CA VAL A 116 1.73 -8.80 13.70
C VAL A 116 3.05 -9.56 13.67
N LEU A 117 3.65 -9.81 14.83
CA LEU A 117 4.98 -10.40 14.90
C LEU A 117 5.02 -11.79 15.51
N ASN A 118 4.03 -12.13 16.34
CA ASN A 118 3.97 -13.34 17.18
C ASN A 118 4.80 -13.19 18.45
N GLN A 119 5.11 -11.96 18.85
CA GLN A 119 5.68 -11.70 20.16
C GLN A 119 4.56 -11.51 21.18
N PRO A 120 4.59 -12.17 22.32
CA PRO A 120 3.69 -11.79 23.42
C PRO A 120 3.96 -10.36 23.84
N GLN A 121 2.94 -9.71 24.39
CA GLN A 121 3.09 -8.31 24.79
C GLN A 121 4.15 -8.16 25.88
N SER A 122 4.40 -9.22 26.66
CA SER A 122 5.34 -9.13 27.77
C SER A 122 6.80 -9.23 27.32
N GLU A 123 7.08 -10.02 26.28
CA GLU A 123 8.43 -10.07 25.72
C GLU A 123 8.81 -8.78 25.03
N TRP A 124 7.85 -7.93 24.69
CA TRP A 124 8.13 -6.66 24.03
C TRP A 124 8.17 -5.49 25.00
N PHE A 125 7.35 -5.51 26.06
CA PHE A 125 7.36 -4.44 27.05
C PHE A 125 8.56 -4.59 27.96
N GLY A 126 9.28 -3.48 28.17
CA GLY A 126 10.43 -3.42 29.04
C GLY A 126 11.76 -3.63 28.35
N SER A 127 11.77 -4.34 27.22
CA SER A 127 13.01 -4.65 26.51
C SER A 127 13.41 -3.49 25.62
N THR A 128 14.40 -3.72 24.75
CA THR A 128 14.97 -2.69 23.90
C THR A 128 14.57 -2.92 22.45
N LEU A 129 14.39 -1.83 21.71
CA LEU A 129 14.13 -1.97 20.28
C LEU A 129 15.37 -2.41 19.53
N TYR A 130 16.55 -1.99 19.98
CA TYR A 130 17.79 -2.55 19.44
C TYR A 130 17.80 -4.07 19.54
N ASP A 131 17.28 -4.60 20.66
CA ASP A 131 17.31 -6.04 20.88
C ASP A 131 16.27 -6.78 20.05
N GLN A 132 15.26 -6.07 19.53
CA GLN A 132 14.17 -6.70 18.80
C GLN A 132 14.33 -6.65 17.29
N VAL A 133 15.13 -5.73 16.76
CA VAL A 133 15.31 -5.61 15.31
C VAL A 133 16.31 -6.64 14.83
N HIS A 134 16.68 -6.55 13.55
CA HIS A 134 17.72 -7.41 13.01
C HIS A 134 19.09 -6.89 13.44
N PRO A 135 20.05 -7.78 13.72
CA PRO A 135 21.38 -7.31 14.14
C PRO A 135 22.00 -6.30 13.19
N ASP A 136 21.78 -6.46 11.89
CA ASP A 136 22.28 -5.50 10.92
C ASP A 136 21.46 -4.22 10.92
N ASP A 137 20.17 -4.31 11.28
CA ASP A 137 19.28 -3.16 11.28
C ASP A 137 19.33 -2.40 12.62
N VAL A 138 20.46 -2.45 13.32
CA VAL A 138 20.62 -1.68 14.55
C VAL A 138 21.18 -0.30 14.26
N ASP A 139 22.19 -0.24 13.38
CA ASP A 139 22.81 1.04 13.00
C ASP A 139 21.75 2.06 12.61
N LYS A 140 20.96 1.74 11.58
CA LYS A 140 19.88 2.64 11.18
C LYS A 140 18.95 2.92 12.36
N LEU A 141 18.62 1.88 13.13
CA LEU A 141 17.77 2.06 14.31
C LEU A 141 18.42 3.02 15.30
N ARG A 142 19.73 2.91 15.47
CA ARG A 142 20.45 3.87 16.28
C ARG A 142 20.29 5.27 15.74
N GLU A 143 20.45 5.41 14.43
CA GLU A 143 20.31 6.71 13.77
C GLU A 143 18.91 7.28 13.95
N GLN A 144 18.07 6.55 14.67
CA GLN A 144 16.70 6.98 14.92
C GLN A 144 16.55 7.57 16.32
N LEU A 145 17.29 7.01 17.28
CA LEU A 145 17.24 7.47 18.66
C LEU A 145 18.29 8.54 18.91
N SER A 146 18.26 9.60 18.12
CA SER A 146 19.22 10.70 18.26
C SER A 146 18.99 12.16 17.84
N THR A 147 20.07 12.92 17.79
CA THR A 147 19.99 14.33 17.41
C THR A 147 21.21 14.75 16.59
N SER A 148 21.53 16.04 16.63
CA SER A 148 22.68 16.59 15.88
C SER A 148 22.62 16.31 14.39
N SER A 179 8.71 16.78 16.22
CA SER A 179 9.56 16.28 15.15
C SER A 179 9.22 14.82 14.79
N ARG A 180 9.15 14.52 13.49
CA ARG A 180 8.66 13.25 12.99
C ARG A 180 9.80 12.25 12.77
N ARG A 181 9.42 11.00 12.56
CA ARG A 181 10.34 9.92 12.23
C ARG A 181 9.62 8.93 11.33
N SER A 182 10.39 8.31 10.43
CA SER A 182 9.87 7.29 9.52
C SER A 182 11.04 6.50 8.95
N PHE A 183 11.02 5.19 9.12
CA PHE A 183 12.13 4.35 8.70
C PHE A 183 11.61 2.95 8.47
N ILE A 184 12.46 2.11 7.89
CA ILE A 184 12.12 0.73 7.55
C ILE A 184 13.11 -0.18 8.24
N CYS A 185 12.62 -1.17 8.98
CA CYS A 185 13.55 -2.06 9.68
C CYS A 185 12.97 -3.45 9.84
N ARG A 186 13.85 -4.45 9.78
CA ARG A 186 13.46 -5.83 10.01
C ARG A 186 13.28 -6.12 11.49
N MET A 187 12.33 -6.99 11.79
CA MET A 187 12.03 -7.35 13.17
C MET A 187 11.87 -8.86 13.29
N ARG A 188 12.05 -9.35 14.51
CA ARG A 188 12.02 -10.79 14.77
C ARG A 188 10.59 -11.25 15.05
N CYS A 189 10.24 -12.44 14.57
CA CYS A 189 8.90 -12.97 14.74
C CYS A 189 8.74 -13.65 16.09
N GLY A 190 9.13 -14.92 16.16
CA GLY A 190 9.03 -15.68 17.38
C GLY A 190 7.81 -16.59 17.41
N THR A 191 7.41 -16.94 18.63
CA THR A 191 6.25 -17.80 18.85
C THR A 191 5.54 -17.46 20.15
N ASN A 211 8.47 -14.41 7.99
CA ASN A 211 9.45 -13.56 7.32
C ASN A 211 8.84 -12.91 6.09
N GLY A 212 9.45 -11.80 5.66
CA GLY A 212 8.99 -11.10 4.47
C GLY A 212 10.11 -10.36 3.75
N LEU A 213 11.26 -10.99 3.61
CA LEU A 213 12.36 -10.40 2.87
C LEU A 213 13.28 -11.49 2.31
N GLY A 214 12.78 -12.25 1.34
CA GLY A 214 13.56 -13.31 0.75
C GLY A 214 13.00 -14.69 1.04
N SER A 215 13.47 -15.69 0.31
CA SER A 215 13.07 -17.06 0.55
C SER A 215 13.35 -17.44 2.00
N VAL A 216 12.36 -18.06 2.64
CA VAL A 216 12.53 -18.46 4.03
C VAL A 216 13.72 -19.41 4.13
N LYS A 217 14.61 -19.13 5.09
CA LYS A 217 15.80 -19.93 5.28
C LYS A 217 15.44 -21.23 6.00
N GLU A 218 16.44 -22.10 6.19
CA GLU A 218 16.21 -23.45 6.68
C GLU A 218 16.27 -23.45 8.20
N GLY A 219 15.13 -23.19 8.83
CA GLY A 219 15.04 -23.25 10.28
C GLY A 219 15.60 -22.04 11.00
N GLU A 220 15.61 -20.87 10.35
CA GLU A 220 16.15 -19.64 10.93
C GLU A 220 15.01 -18.80 11.50
N PRO A 221 15.28 -17.70 12.22
CA PRO A 221 14.18 -16.83 12.66
C PRO A 221 13.63 -15.99 11.52
N HIS A 222 12.49 -15.37 11.78
CA HIS A 222 11.69 -14.70 10.76
C HIS A 222 11.70 -13.20 11.04
N PHE A 223 12.31 -12.43 10.15
CA PHE A 223 12.39 -10.98 10.26
C PHE A 223 11.48 -10.36 9.20
N VAL A 224 10.43 -9.69 9.65
CA VAL A 224 9.54 -8.97 8.74
C VAL A 224 10.13 -7.60 8.47
N VAL A 225 9.55 -6.89 7.49
CA VAL A 225 9.99 -5.56 7.12
C VAL A 225 8.94 -4.55 7.60
N VAL A 226 9.17 -3.97 8.77
CA VAL A 226 8.20 -3.10 9.42
C VAL A 226 8.44 -1.66 8.97
N HIS A 227 7.36 -0.99 8.59
CA HIS A 227 7.36 0.43 8.23
C HIS A 227 6.98 1.23 9.47
N CYS A 228 7.91 2.06 9.95
CA CYS A 228 7.76 2.76 11.22
C CYS A 228 7.55 4.25 10.96
N THR A 229 6.47 4.79 11.49
CA THR A 229 6.21 6.23 11.44
C THR A 229 5.90 6.71 12.84
N GLY A 230 6.16 7.98 13.11
CA GLY A 230 5.84 8.53 14.42
C GLY A 230 6.39 9.93 14.61
N TYR A 231 6.41 10.35 15.86
CA TYR A 231 6.94 11.66 16.22
C TYR A 231 7.55 11.63 17.62
N LEU A 257 9.97 8.46 21.55
CA LEU A 257 9.48 8.28 20.19
C LEU A 257 8.21 7.45 20.18
N VAL A 258 7.15 7.99 19.58
CA VAL A 258 5.86 7.33 19.45
C VAL A 258 5.70 6.92 17.99
N ALA A 259 5.44 5.62 17.77
CA ALA A 259 5.46 5.13 16.41
C ALA A 259 4.40 4.06 16.20
N ILE A 260 3.75 4.11 15.04
CA ILE A 260 3.03 2.98 14.49
C ILE A 260 4.00 2.20 13.59
N GLY A 261 4.10 0.90 13.84
CA GLY A 261 4.79 -0.01 12.97
C GLY A 261 3.79 -0.84 12.19
N ARG A 262 3.80 -0.69 10.87
CA ARG A 262 2.84 -1.36 10.00
C ARG A 262 3.58 -2.23 8.99
N LEU A 263 3.07 -3.43 8.77
CA LEU A 263 3.59 -4.28 7.72
C LEU A 263 3.13 -3.79 6.35
N GLN A 264 3.96 -4.01 5.35
CA GLN A 264 3.60 -3.79 3.95
C GLN A 264 3.71 -5.13 3.24
N VAL A 265 2.70 -5.98 3.46
CA VAL A 265 2.77 -7.38 3.05
C VAL A 265 2.90 -7.49 1.53
N THR A 266 2.21 -6.62 0.80
CA THR A 266 2.19 -6.70 -0.65
C THR A 266 3.48 -6.12 -1.25
N SER A 267 4.60 -6.79 -0.94
CA SER A 267 5.89 -6.39 -1.47
C SER A 267 6.91 -7.53 -1.40
N SER A 268 6.74 -8.41 -0.42
CA SER A 268 7.63 -9.55 -0.29
C SER A 268 7.21 -10.63 -1.27
N PRO A 269 8.03 -10.96 -2.29
CA PRO A 269 7.69 -11.98 -3.30
C PRO A 269 7.44 -13.35 -2.69
N GLU A 282 12.37 -25.27 -10.40
CA GLU A 282 12.47 -24.31 -11.51
C GLU A 282 13.42 -23.16 -11.16
N PHE A 283 13.74 -22.33 -12.15
CA PHE A 283 14.65 -21.21 -11.94
C PHE A 283 14.57 -20.26 -13.13
N ILE A 284 14.80 -18.97 -12.85
CA ILE A 284 14.64 -17.91 -13.84
C ILE A 284 16.01 -17.55 -14.41
N SER A 285 16.03 -17.21 -15.70
CA SER A 285 17.27 -16.82 -16.36
C SER A 285 16.98 -15.64 -17.30
N ARG A 286 18.06 -15.02 -17.78
CA ARG A 286 17.96 -13.97 -18.78
C ARG A 286 18.92 -14.30 -19.92
N HIS A 287 18.63 -13.76 -21.11
CA HIS A 287 19.46 -14.02 -22.27
C HIS A 287 19.48 -12.80 -23.16
N ASN A 288 20.49 -12.72 -24.02
CA ASN A 288 20.46 -11.78 -25.11
C ASN A 288 19.70 -12.39 -26.30
N ILE A 289 19.45 -11.57 -27.32
CA ILE A 289 18.70 -12.03 -28.48
C ILE A 289 19.38 -13.17 -29.21
N GLU A 290 20.64 -13.48 -28.87
CA GLU A 290 21.33 -14.66 -29.38
C GLU A 290 21.23 -15.85 -28.43
N GLY A 291 20.52 -15.71 -27.31
CA GLY A 291 20.34 -16.83 -26.40
C GLY A 291 21.50 -17.14 -25.50
N ILE A 292 22.31 -16.13 -25.16
CA ILE A 292 23.45 -16.33 -24.27
C ILE A 292 22.99 -16.03 -22.85
N PHE A 293 23.26 -16.97 -21.94
CA PHE A 293 22.87 -16.81 -20.54
C PHE A 293 23.47 -15.54 -19.94
N THR A 294 22.62 -14.52 -19.76
CA THR A 294 23.06 -13.26 -19.19
C THR A 294 22.67 -13.17 -17.72
N PHE A 295 22.05 -14.24 -17.21
CA PHE A 295 21.62 -14.28 -15.82
C PHE A 295 21.14 -15.69 -15.52
N VAL A 296 21.52 -16.22 -14.36
CA VAL A 296 20.99 -17.49 -13.88
C VAL A 296 20.70 -17.35 -12.39
N ASP A 297 19.42 -17.50 -12.02
CA ASP A 297 19.06 -17.56 -10.62
C ASP A 297 19.66 -18.81 -9.97
N HIS A 298 19.89 -18.72 -8.65
CA HIS A 298 20.58 -19.79 -7.94
C HIS A 298 19.82 -21.12 -7.94
N ARG A 299 18.49 -21.09 -8.11
CA ARG A 299 17.69 -22.31 -8.05
C ARG A 299 18.18 -23.38 -9.02
N CYS A 300 18.89 -22.98 -10.09
CA CYS A 300 19.45 -23.96 -11.02
C CYS A 300 20.27 -25.03 -10.29
N VAL A 301 20.94 -24.64 -9.19
CA VAL A 301 21.76 -25.58 -8.45
C VAL A 301 20.95 -26.80 -8.04
N ALA A 302 19.71 -26.58 -7.59
CA ALA A 302 18.84 -27.67 -7.22
C ALA A 302 17.90 -28.10 -8.35
N THR A 303 17.91 -27.36 -9.47
CA THR A 303 17.05 -27.64 -10.61
C THR A 303 17.77 -28.40 -11.73
N VAL A 304 18.99 -27.98 -12.06
CA VAL A 304 19.80 -28.65 -13.09
C VAL A 304 21.16 -29.08 -12.57
N GLY A 305 21.53 -28.69 -11.35
CA GLY A 305 22.74 -29.16 -10.70
C GLY A 305 23.94 -28.25 -10.86
N TYR A 306 24.00 -27.50 -11.96
CA TYR A 306 25.15 -26.65 -12.21
C TYR A 306 25.23 -25.54 -11.17
N GLN A 307 26.37 -24.89 -11.15
CA GLN A 307 26.49 -23.60 -10.51
C GLN A 307 26.17 -22.50 -11.52
N PRO A 308 25.73 -21.34 -11.05
CA PRO A 308 25.27 -20.30 -12.00
C PRO A 308 26.35 -19.83 -12.95
N GLN A 309 27.57 -19.61 -12.46
CA GLN A 309 28.67 -19.24 -13.35
C GLN A 309 28.99 -20.35 -14.35
N GLU A 310 28.65 -21.60 -14.03
CA GLU A 310 28.88 -22.71 -14.94
C GLU A 310 27.96 -22.67 -16.15
N LEU A 311 26.91 -21.83 -16.12
CA LEU A 311 26.08 -21.57 -17.29
C LEU A 311 26.34 -20.22 -17.92
N LEU A 312 26.75 -19.22 -17.14
CA LEU A 312 26.81 -17.85 -17.62
C LEU A 312 27.80 -17.70 -18.76
N GLY A 313 27.50 -16.78 -19.67
CA GLY A 313 28.28 -16.56 -20.86
C GLY A 313 27.97 -17.54 -21.97
N LYS A 314 27.35 -18.68 -21.64
CA LYS A 314 27.15 -19.74 -22.62
C LYS A 314 25.76 -19.65 -23.26
N ASN A 315 25.59 -20.41 -24.34
CA ASN A 315 24.32 -20.47 -25.06
C ASN A 315 23.51 -21.65 -24.56
N ILE A 316 22.18 -21.48 -24.53
CA ILE A 316 21.32 -22.54 -24.00
C ILE A 316 21.30 -23.74 -24.95
N VAL A 317 21.40 -23.50 -26.26
CA VAL A 317 21.41 -24.59 -27.24
C VAL A 317 22.59 -25.52 -27.01
N GLU A 318 23.66 -25.03 -26.39
CA GLU A 318 24.77 -25.88 -26.00
C GLU A 318 24.32 -26.99 -25.05
N PHE A 319 23.47 -26.66 -24.08
CA PHE A 319 22.99 -27.65 -23.11
C PHE A 319 21.80 -28.45 -23.64
N CYS A 320 21.35 -28.19 -24.86
CA CYS A 320 20.17 -28.82 -25.42
C CYS A 320 20.52 -30.14 -26.09
N HIS A 321 19.52 -31.01 -26.16
CA HIS A 321 19.69 -32.28 -26.85
C HIS A 321 19.83 -32.03 -28.35
N PRO A 322 20.77 -32.71 -29.02
CA PRO A 322 21.04 -32.43 -30.44
C PRO A 322 19.82 -32.56 -31.35
N GLU A 323 18.77 -33.20 -30.84
CA GLU A 323 17.57 -33.43 -31.64
C GLU A 323 16.53 -32.33 -31.44
N ASP A 324 16.58 -31.59 -30.34
CA ASP A 324 15.67 -30.49 -30.10
C ASP A 324 16.30 -29.12 -30.26
N GLN A 325 17.60 -29.06 -30.60
CA GLN A 325 18.29 -27.77 -30.64
C GLN A 325 17.69 -26.84 -31.67
N GLN A 326 17.35 -27.36 -32.85
CA GLN A 326 16.77 -26.52 -33.88
C GLN A 326 15.45 -25.93 -33.42
N LEU A 327 14.63 -26.73 -32.73
CA LEU A 327 13.44 -26.21 -32.09
C LEU A 327 13.77 -25.08 -31.14
N LEU A 328 14.82 -25.27 -30.32
CA LEU A 328 15.21 -24.24 -29.38
C LEU A 328 15.53 -22.93 -30.09
N ARG A 329 16.25 -23.01 -31.22
CA ARG A 329 16.62 -21.80 -31.94
C ARG A 329 15.40 -21.14 -32.58
N ASP A 330 14.55 -21.92 -33.25
CA ASP A 330 13.35 -21.36 -33.85
C ASP A 330 12.47 -20.67 -32.79
N SER A 331 12.37 -21.29 -31.62
CA SER A 331 11.58 -20.70 -30.54
C SER A 331 12.18 -19.38 -30.08
N PHE A 332 13.50 -19.36 -29.86
CA PHE A 332 14.14 -18.14 -29.39
C PHE A 332 13.97 -17.00 -30.40
N GLN A 333 14.22 -17.29 -31.68
CA GLN A 333 13.93 -16.32 -32.72
C GLN A 333 12.46 -15.89 -32.70
N GLN A 334 11.57 -16.78 -32.27
CA GLN A 334 10.15 -16.45 -32.28
C GLN A 334 9.80 -15.49 -31.15
N VAL A 335 10.30 -15.74 -29.94
CA VAL A 335 10.03 -14.84 -28.83
C VAL A 335 10.71 -13.50 -29.07
N VAL A 336 11.82 -13.50 -29.82
CA VAL A 336 12.35 -12.24 -30.34
C VAL A 336 11.31 -11.58 -31.24
N LYS A 337 10.60 -12.37 -32.05
CA LYS A 337 9.60 -11.86 -32.98
C LYS A 337 8.19 -11.81 -32.40
N LEU A 338 7.99 -12.20 -31.15
CA LEU A 338 6.69 -12.08 -30.50
C LEU A 338 6.53 -10.81 -29.67
N LYS A 339 7.58 -10.00 -29.56
CA LYS A 339 7.56 -8.87 -28.64
C LYS A 339 7.26 -9.37 -27.23
N GLY A 340 6.43 -8.66 -26.50
CA GLY A 340 6.15 -9.02 -25.12
C GLY A 340 5.33 -10.29 -24.93
N GLN A 341 4.99 -10.95 -26.04
CA GLN A 341 4.15 -12.14 -25.97
C GLN A 341 4.96 -13.35 -25.55
N VAL A 342 4.37 -14.18 -24.70
CA VAL A 342 5.05 -15.32 -24.09
C VAL A 342 5.00 -16.52 -25.03
N LEU A 343 6.03 -17.36 -24.95
CA LEU A 343 6.11 -18.61 -25.71
C LEU A 343 6.88 -19.63 -24.89
N SER A 344 6.29 -20.80 -24.69
CA SER A 344 6.87 -21.86 -23.89
C SER A 344 7.28 -23.03 -24.79
N VAL A 345 8.35 -23.72 -24.40
CA VAL A 345 8.91 -24.83 -25.18
C VAL A 345 9.44 -25.89 -24.23
N MET A 346 9.22 -27.15 -24.58
CA MET A 346 9.69 -28.29 -23.80
C MET A 346 10.83 -28.97 -24.54
N PHE A 347 11.96 -29.12 -23.86
CA PHE A 347 13.15 -29.71 -24.49
C PHE A 347 13.95 -30.47 -23.44
N ARG A 348 14.91 -31.24 -23.92
CA ARG A 348 15.79 -32.04 -23.06
C ARG A 348 16.98 -31.21 -22.64
N PHE A 349 17.30 -31.25 -21.35
CA PHE A 349 18.37 -30.46 -20.77
C PHE A 349 19.38 -31.41 -20.12
N ARG A 350 20.64 -31.30 -20.54
CA ARG A 350 21.70 -32.13 -19.98
C ARG A 350 22.16 -31.52 -18.66
N SER A 351 21.80 -32.17 -17.55
CA SER A 351 22.12 -31.64 -16.23
C SER A 351 23.61 -31.84 -15.94
N LYS A 352 24.00 -31.45 -14.73
CA LYS A 352 25.39 -31.59 -14.30
C LYS A 352 25.62 -32.90 -13.57
N THR A 353 24.93 -33.94 -14.02
CA THR A 353 25.06 -35.27 -13.42
C THR A 353 24.96 -36.37 -14.47
N ARG A 354 24.87 -35.96 -15.73
CA ARG A 354 24.77 -36.91 -16.84
C ARG A 354 23.36 -37.49 -16.95
N GLU A 355 22.41 -36.63 -17.30
CA GLU A 355 21.02 -37.05 -17.44
C GLU A 355 20.23 -36.05 -18.28
N TRP A 356 19.24 -36.54 -19.02
CA TRP A 356 18.41 -35.69 -19.86
C TRP A 356 17.09 -35.43 -19.15
N LEU A 357 16.95 -34.23 -18.61
CA LEU A 357 15.73 -33.82 -17.92
C LEU A 357 14.79 -33.15 -18.91
N TRP A 358 13.54 -33.61 -18.94
CA TRP A 358 12.52 -32.90 -19.69
C TRP A 358 12.22 -31.58 -18.99
N MET A 359 12.21 -30.50 -19.76
CA MET A 359 12.22 -29.16 -19.19
C MET A 359 11.33 -28.25 -20.02
N ARG A 360 10.27 -27.71 -19.40
CA ARG A 360 9.45 -26.70 -20.02
C ARG A 360 9.96 -25.32 -19.60
N THR A 361 10.15 -24.45 -20.58
CA THR A 361 10.60 -23.08 -20.34
C THR A 361 9.71 -22.13 -21.13
N SER A 362 9.00 -21.27 -20.42
CA SER A 362 8.30 -20.15 -21.03
C SER A 362 9.23 -18.95 -21.05
N SER A 363 9.17 -18.18 -22.15
CA SER A 363 10.08 -17.06 -22.30
C SER A 363 9.42 -15.97 -23.14
N PHE A 364 9.89 -14.75 -22.93
CA PHE A 364 9.40 -13.58 -23.66
C PHE A 364 10.53 -12.55 -23.67
N THR A 365 10.38 -11.55 -24.52
CA THR A 365 11.32 -10.44 -24.51
C THR A 365 10.78 -9.35 -23.59
N PHE A 366 11.68 -8.67 -22.90
CA PHE A 366 11.34 -7.64 -21.94
C PHE A 366 11.55 -6.29 -22.61
N GLN A 367 10.46 -5.69 -23.08
CA GLN A 367 10.52 -4.44 -23.81
C GLN A 367 10.30 -3.29 -22.83
N ASN A 368 11.24 -2.35 -22.81
CA ASN A 368 11.24 -1.26 -21.86
C ASN A 368 9.89 -0.53 -21.89
N PRO A 369 9.27 -0.28 -20.74
CA PRO A 369 7.95 0.39 -20.74
C PRO A 369 7.97 1.76 -21.39
N TYR A 370 9.12 2.40 -21.55
CA TYR A 370 9.21 3.71 -22.15
C TYR A 370 9.88 3.65 -23.54
N SER A 371 11.21 3.48 -23.57
CA SER A 371 11.91 3.47 -24.86
C SER A 371 11.60 2.22 -25.68
N ASP A 372 10.97 1.21 -25.08
CA ASP A 372 10.49 0.00 -25.74
C ASP A 372 11.61 -0.90 -26.26
N GLU A 373 12.85 -0.67 -25.81
CA GLU A 373 14.00 -1.42 -26.31
C GLU A 373 14.08 -2.79 -25.62
N ILE A 374 14.68 -3.73 -26.34
CA ILE A 374 14.88 -5.07 -25.79
C ILE A 374 15.89 -4.98 -24.66
N GLU A 375 15.45 -5.19 -23.42
CA GLU A 375 16.43 -5.30 -22.35
C GLU A 375 17.12 -6.66 -22.38
N TYR A 376 16.34 -7.72 -22.45
CA TYR A 376 16.82 -9.11 -22.51
C TYR A 376 15.59 -10.00 -22.75
N ILE A 377 15.80 -11.30 -22.70
CA ILE A 377 14.72 -12.29 -22.81
C ILE A 377 14.70 -13.10 -21.53
N ILE A 378 13.55 -13.11 -20.86
CA ILE A 378 13.39 -13.78 -19.57
C ILE A 378 12.92 -15.20 -19.81
N CYS A 379 13.62 -16.16 -19.22
CA CYS A 379 13.22 -17.55 -19.26
C CYS A 379 12.79 -18.02 -17.88
N THR A 380 11.77 -18.87 -17.84
CA THR A 380 11.34 -19.56 -16.63
C THR A 380 11.52 -21.05 -16.91
N ASN A 381 12.64 -21.61 -16.46
CA ASN A 381 13.02 -22.98 -16.77
C ASN A 381 12.54 -23.90 -15.66
N THR A 382 11.53 -24.72 -15.95
CA THR A 382 10.95 -25.66 -15.01
C THR A 382 11.07 -27.08 -15.57
N ASN A 383 11.19 -28.05 -14.67
CA ASN A 383 11.29 -29.46 -15.06
C ASN A 383 9.91 -30.02 -15.40
N ARG B 6 -58.10 29.05 6.15
CA ARG B 6 -57.44 28.18 5.18
C ARG B 6 -55.94 28.05 5.45
N LYS B 7 -55.21 29.12 5.12
CA LYS B 7 -53.76 29.09 5.05
C LYS B 7 -53.06 29.67 6.27
N GLU B 8 -53.75 30.48 7.08
CA GLU B 8 -53.15 30.94 8.33
C GLU B 8 -52.77 29.75 9.21
N LYS B 9 -53.71 28.81 9.37
CA LYS B 9 -53.40 27.53 10.00
C LYS B 9 -52.23 26.85 9.33
N SER B 10 -52.09 26.99 8.01
CA SER B 10 -50.95 26.43 7.31
C SER B 10 -49.67 27.22 7.59
N ARG B 11 -49.76 28.54 7.65
CA ARG B 11 -48.59 29.37 7.93
C ARG B 11 -47.99 29.02 9.28
N ASP B 12 -48.77 29.13 10.35
CA ASP B 12 -48.20 28.92 11.69
C ASP B 12 -48.08 27.45 12.05
N ALA B 13 -48.92 26.57 11.49
CA ALA B 13 -48.77 25.14 11.71
C ALA B 13 -47.53 24.59 11.02
N ALA B 14 -47.28 25.00 9.77
CA ALA B 14 -46.08 24.64 9.04
C ALA B 14 -44.83 25.28 9.64
N ARG B 15 -44.93 26.53 10.13
CA ARG B 15 -43.81 27.13 10.84
C ARG B 15 -43.49 26.39 12.13
N SER B 16 -44.53 25.88 12.81
CA SER B 16 -44.31 25.02 13.98
C SER B 16 -43.61 23.72 13.60
N ARG B 17 -44.07 23.06 12.52
CA ARG B 17 -43.41 21.84 12.07
C ARG B 17 -41.94 22.10 11.73
N ARG B 18 -41.65 23.20 11.04
CA ARG B 18 -40.27 23.55 10.76
C ARG B 18 -39.49 23.80 12.03
N GLY B 19 -40.16 24.36 13.06
CA GLY B 19 -39.49 24.53 14.34
C GLY B 19 -39.07 23.22 14.98
N LYS B 20 -40.03 22.29 15.16
CA LYS B 20 -39.71 20.98 15.70
C LYS B 20 -38.59 20.32 14.91
N GLU B 21 -38.75 20.28 13.59
CA GLU B 21 -37.69 19.87 12.66
C GLU B 21 -36.32 20.41 13.06
N ASN B 22 -36.16 21.73 12.99
CA ASN B 22 -34.84 22.33 13.18
C ASN B 22 -34.27 22.01 14.55
N PHE B 23 -35.13 21.99 15.58
CA PHE B 23 -34.66 21.65 16.91
C PHE B 23 -34.09 20.23 16.94
N GLU B 24 -34.82 19.27 16.37
CA GLU B 24 -34.33 17.90 16.31
C GLU B 24 -33.00 17.83 15.54
N PHE B 25 -32.92 18.51 14.40
CA PHE B 25 -31.68 18.50 13.61
C PHE B 25 -30.50 18.97 14.45
N TYR B 26 -30.64 20.11 15.13
CA TYR B 26 -29.47 20.67 15.80
C TYR B 26 -29.13 19.98 17.12
N GLU B 27 -30.09 19.30 17.77
CA GLU B 27 -29.66 18.49 18.91
C GLU B 27 -28.99 17.20 18.44
N LEU B 28 -29.54 16.57 17.39
CA LEU B 28 -28.85 15.45 16.75
C LEU B 28 -27.43 15.84 16.37
N ALA B 29 -27.27 17.03 15.80
CA ALA B 29 -25.94 17.54 15.49
C ALA B 29 -25.11 17.70 16.75
N LYS B 30 -25.70 18.21 17.83
CA LYS B 30 -24.95 18.44 19.06
C LYS B 30 -24.40 17.14 19.64
N LEU B 31 -25.09 16.02 19.45
CA LEU B 31 -24.62 14.80 20.11
C LEU B 31 -23.48 14.10 19.38
N LEU B 32 -23.11 14.54 18.17
CA LEU B 32 -22.13 13.86 17.32
C LEU B 32 -20.78 13.67 18.00
N PRO B 33 -19.95 12.72 17.54
CA PRO B 33 -18.65 12.47 18.20
C PRO B 33 -17.64 13.59 17.99
N LEU B 34 -17.99 14.64 17.27
CA LEU B 34 -17.12 15.80 17.15
C LEU B 34 -17.29 16.71 18.35
N PRO B 35 -16.30 17.56 18.65
CA PRO B 35 -16.42 18.45 19.81
C PRO B 35 -17.62 19.38 19.66
N ALA B 36 -18.01 19.97 20.80
CA ALA B 36 -19.12 20.91 20.79
C ALA B 36 -18.88 22.03 19.78
N ALA B 37 -17.60 22.37 19.56
CA ALA B 37 -17.25 23.54 18.77
C ALA B 37 -17.83 23.48 17.36
N ILE B 38 -17.58 22.39 16.65
CA ILE B 38 -18.07 22.29 15.28
C ILE B 38 -19.36 21.47 15.19
N THR B 39 -19.65 20.63 16.19
CA THR B 39 -20.93 19.92 16.18
C THR B 39 -22.08 20.89 16.40
N SER B 40 -21.81 22.04 17.02
CA SER B 40 -22.85 23.04 17.26
C SER B 40 -23.24 23.72 15.95
N GLN B 41 -22.38 24.61 15.44
CA GLN B 41 -22.64 25.33 14.20
C GLN B 41 -22.20 24.44 13.03
N LEU B 42 -23.15 23.74 12.44
CA LEU B 42 -22.86 22.71 11.44
C LEU B 42 -23.92 22.74 10.35
N ASP B 43 -23.53 22.32 9.14
CA ASP B 43 -24.46 22.28 8.01
C ASP B 43 -25.58 21.27 8.27
N LYS B 44 -26.77 21.57 7.71
CA LYS B 44 -27.97 20.78 8.01
C LYS B 44 -27.94 19.42 7.30
N ALA B 45 -27.46 19.35 6.06
CA ALA B 45 -27.37 18.06 5.38
C ALA B 45 -26.13 17.28 5.80
N SER B 46 -25.03 17.98 6.05
CA SER B 46 -23.84 17.32 6.58
C SER B 46 -24.12 16.64 7.91
N ILE B 47 -25.09 17.16 8.68
CA ILE B 47 -25.56 16.48 9.89
C ILE B 47 -25.91 15.03 9.57
N ILE B 48 -26.84 14.83 8.64
CA ILE B 48 -27.32 13.48 8.34
C ILE B 48 -26.24 12.67 7.63
N ARG B 49 -25.38 13.32 6.83
CA ARG B 49 -24.18 12.63 6.34
C ARG B 49 -23.42 11.98 7.49
N LEU B 50 -23.07 12.78 8.51
CA LEU B 50 -22.24 12.28 9.59
C LEU B 50 -22.94 11.21 10.39
N THR B 51 -24.20 11.45 10.78
CA THR B 51 -24.94 10.47 11.56
C THR B 51 -25.05 9.15 10.80
N ILE B 52 -25.46 9.22 9.53
CA ILE B 52 -25.58 8.03 8.71
C ILE B 52 -24.26 7.26 8.68
N SER B 53 -23.16 7.96 8.37
CA SER B 53 -21.87 7.28 8.28
C SER B 53 -21.43 6.75 9.64
N TYR B 54 -21.96 7.30 10.72
CA TYR B 54 -21.58 6.84 12.05
C TYR B 54 -22.28 5.53 12.39
N LEU B 55 -23.59 5.45 12.15
CA LEU B 55 -24.28 4.18 12.37
C LEU B 55 -23.79 3.13 11.39
N LYS B 56 -23.57 3.53 10.14
CA LYS B 56 -23.05 2.63 9.12
C LYS B 56 -21.68 2.09 9.53
N MET B 57 -20.85 2.95 10.13
CA MET B 57 -19.49 2.57 10.51
C MET B 57 -19.45 1.72 11.77
N ARG B 58 -20.35 1.94 12.73
CA ARG B 58 -20.41 1.09 13.91
C ARG B 58 -20.90 -0.31 13.54
N ASP B 59 -22.00 -0.38 12.78
CA ASP B 59 -22.38 -1.65 12.16
C ASP B 59 -21.22 -2.26 11.39
N PHE B 60 -20.44 -1.41 10.71
CA PHE B 60 -19.28 -1.89 9.95
C PHE B 60 -18.26 -2.55 10.85
N ALA B 61 -18.04 -1.99 12.04
CA ALA B 61 -16.98 -2.49 12.91
C ALA B 61 -17.43 -3.73 13.68
N ASN B 62 -18.61 -3.70 14.27
CA ASN B 62 -19.06 -4.79 15.14
C ASN B 62 -19.79 -5.91 14.39
N GLN B 63 -19.62 -5.99 13.07
CA GLN B 63 -20.12 -7.09 12.26
C GLN B 63 -19.00 -7.86 11.58
N GLY B 64 -17.75 -7.66 12.02
CA GLY B 64 -16.61 -8.33 11.42
C GLY B 64 -15.63 -8.81 12.47
N ASP B 65 -14.63 -9.53 12.00
CA ASP B 65 -13.63 -10.14 12.88
C ASP B 65 -12.69 -9.10 13.50
N ILE B 95 1.93 4.98 31.75
CA ILE B 95 0.99 3.89 31.69
C ILE B 95 -0.41 4.41 31.35
N GLU B 96 -0.67 5.61 31.82
CA GLU B 96 -1.96 6.26 31.63
C GLU B 96 -1.93 7.40 30.64
N VAL B 97 -0.79 8.08 30.49
CA VAL B 97 -0.70 9.14 29.48
C VAL B 97 -0.68 8.53 28.08
N PHE B 98 0.24 7.59 27.81
CA PHE B 98 0.38 6.94 26.51
C PHE B 98 -0.87 6.18 26.09
N GLU B 99 -1.92 6.21 26.91
CA GLU B 99 -3.22 5.62 26.61
C GLU B 99 -4.32 6.65 26.40
N ALA B 100 -4.34 7.72 27.22
CA ALA B 100 -5.39 8.73 27.14
C ALA B 100 -5.40 9.44 25.80
N HIS B 101 -4.23 9.66 25.20
CA HIS B 101 -4.15 10.13 23.83
C HIS B 101 -3.76 9.00 22.88
N LEU B 102 -4.52 7.91 22.92
CA LEU B 102 -4.31 6.84 21.93
C LEU B 102 -4.64 7.32 20.53
N GLY B 103 -5.83 7.92 20.36
CA GLY B 103 -6.25 8.39 19.07
C GLY B 103 -5.29 9.34 18.39
N SER B 104 -4.97 10.46 19.07
CA SER B 104 -4.10 11.47 18.47
C SER B 104 -2.69 10.94 18.23
N HIS B 105 -2.23 10.00 19.06
CA HIS B 105 -0.92 9.39 18.84
C HIS B 105 -0.92 8.51 17.60
N ILE B 106 -1.87 7.56 17.50
CA ILE B 106 -1.97 6.77 16.28
C ILE B 106 -2.07 7.68 15.07
N LEU B 107 -2.97 8.66 15.12
CA LEU B 107 -3.29 9.43 13.91
C LEU B 107 -2.16 10.38 13.52
N GLN B 108 -1.59 11.09 14.49
CA GLN B 108 -0.51 12.02 14.17
C GLN B 108 0.87 11.35 14.18
N SER B 109 0.92 10.04 14.37
CA SER B 109 2.17 9.33 14.12
C SER B 109 2.27 8.87 12.68
N LEU B 110 1.14 8.57 12.04
CA LEU B 110 1.12 8.10 10.66
C LEU B 110 1.37 9.25 9.70
N ASP B 111 2.14 8.96 8.64
CA ASP B 111 2.40 9.90 7.56
C ASP B 111 1.30 9.90 6.52
N GLY B 112 0.08 9.55 6.90
CA GLY B 112 -1.05 9.64 6.01
C GLY B 112 -2.36 9.73 6.77
N PHE B 113 -3.47 9.58 6.06
CA PHE B 113 -4.78 9.51 6.67
C PHE B 113 -5.33 8.10 6.51
N VAL B 114 -6.18 7.70 7.45
CA VAL B 114 -6.79 6.38 7.48
C VAL B 114 -8.30 6.54 7.31
N PHE B 115 -8.89 5.70 6.47
CA PHE B 115 -10.32 5.78 6.20
C PHE B 115 -10.89 4.39 5.99
N ALA B 116 -12.21 4.30 6.13
CA ALA B 116 -12.96 3.06 5.96
C ALA B 116 -14.16 3.32 5.07
N LEU B 117 -14.29 2.53 4.00
CA LEU B 117 -15.42 2.54 3.10
C LEU B 117 -16.34 1.37 3.40
N ASN B 118 -17.35 1.19 2.54
CA ASN B 118 -18.26 0.07 2.63
C ASN B 118 -18.42 -0.62 1.27
N GLN B 119 -19.41 -1.51 1.16
CA GLN B 119 -19.65 -2.27 -0.06
C GLN B 119 -20.11 -1.41 -1.23
N GLU B 120 -20.30 -0.12 -1.03
CA GLU B 120 -20.71 0.77 -2.10
C GLU B 120 -19.65 1.79 -2.48
N GLY B 121 -18.76 2.15 -1.56
CA GLY B 121 -17.76 3.16 -1.80
C GLY B 121 -17.88 4.38 -0.90
N LYS B 122 -18.93 4.48 -0.11
CA LYS B 122 -19.11 5.63 0.77
C LYS B 122 -18.11 5.59 1.92
N PHE B 123 -17.35 6.67 2.09
CA PHE B 123 -16.52 6.84 3.28
C PHE B 123 -17.36 6.64 4.54
N LEU B 124 -17.18 5.52 5.21
CA LEU B 124 -17.81 5.34 6.51
C LEU B 124 -16.97 5.94 7.63
N TYR B 125 -15.70 6.26 7.37
CA TYR B 125 -14.89 6.98 8.33
C TYR B 125 -13.67 7.53 7.60
N ILE B 126 -13.14 8.64 8.11
CA ILE B 126 -11.85 9.16 7.67
C ILE B 126 -11.29 10.05 8.77
N SER B 127 -10.03 9.86 9.12
CA SER B 127 -9.44 10.63 10.19
C SER B 127 -9.30 12.09 9.77
N GLU B 128 -9.30 12.98 10.76
CA GLU B 128 -9.17 14.40 10.47
C GLU B 128 -7.87 14.71 9.76
N THR B 129 -6.83 13.92 9.99
CA THR B 129 -5.50 14.21 9.48
C THR B 129 -5.44 14.30 7.97
N VAL B 130 -6.49 13.88 7.25
CA VAL B 130 -6.49 14.01 5.80
C VAL B 130 -6.37 15.49 5.42
N SER B 131 -6.94 16.37 6.24
CA SER B 131 -6.83 17.81 5.99
C SER B 131 -5.38 18.26 5.89
N ILE B 132 -4.44 17.49 6.47
CA ILE B 132 -3.03 17.84 6.35
C ILE B 132 -2.55 17.61 4.92
N TYR B 133 -2.88 16.46 4.32
CA TYR B 133 -2.24 16.03 3.08
C TYR B 133 -3.07 16.30 1.83
N LEU B 134 -4.39 16.47 1.94
CA LEU B 134 -5.23 16.74 0.78
C LEU B 134 -6.05 18.03 0.89
N GLY B 135 -6.13 18.62 2.08
CA GLY B 135 -6.94 19.79 2.30
C GLY B 135 -8.42 19.52 2.47
N LEU B 136 -8.84 18.28 2.45
CA LEU B 136 -10.26 17.96 2.54
C LEU B 136 -10.72 17.97 3.99
N SER B 137 -11.97 18.39 4.20
CA SER B 137 -12.54 18.44 5.52
C SER B 137 -13.11 17.08 5.91
N GLN B 138 -12.80 16.63 7.13
CA GLN B 138 -13.36 15.38 7.62
C GLN B 138 -14.88 15.39 7.57
N VAL B 139 -15.50 16.48 8.00
CA VAL B 139 -16.95 16.60 7.93
C VAL B 139 -17.41 16.53 6.48
N GLU B 140 -16.60 17.06 5.56
CA GLU B 140 -17.00 17.11 4.17
C GLU B 140 -16.90 15.74 3.50
N LEU B 141 -15.95 14.89 3.91
CA LEU B 141 -15.75 13.59 3.26
C LEU B 141 -16.56 12.46 3.88
N THR B 142 -16.87 12.53 5.17
CA THR B 142 -17.60 11.48 5.87
C THR B 142 -19.01 11.36 5.29
N GLY B 143 -19.25 10.31 4.49
CA GLY B 143 -20.56 10.02 3.94
C GLY B 143 -20.60 9.97 2.42
N SER B 144 -19.74 10.75 1.77
CA SER B 144 -19.76 10.84 0.32
C SER B 144 -19.11 9.61 -0.30
N SER B 145 -19.45 9.36 -1.56
CA SER B 145 -18.80 8.30 -2.33
C SER B 145 -17.33 8.65 -2.57
N VAL B 146 -16.47 7.65 -2.41
CA VAL B 146 -15.03 7.88 -2.62
C VAL B 146 -14.76 8.31 -4.05
N PHE B 147 -15.56 7.81 -5.00
CA PHE B 147 -15.39 8.17 -6.40
C PHE B 147 -15.49 9.67 -6.59
N ASP B 148 -16.28 10.35 -5.74
CA ASP B 148 -16.44 11.80 -5.87
C ASP B 148 -15.13 12.53 -5.70
N TYR B 149 -14.21 12.00 -4.89
CA TYR B 149 -12.99 12.70 -4.55
C TYR B 149 -11.74 12.07 -5.14
N VAL B 150 -11.89 11.07 -6.00
CA VAL B 150 -10.76 10.50 -6.72
C VAL B 150 -10.79 11.03 -8.16
N HIS B 151 -9.62 11.06 -8.78
CA HIS B 151 -9.48 11.58 -10.12
C HIS B 151 -10.16 10.64 -11.11
N PRO B 152 -11.13 11.11 -11.91
CA PRO B 152 -11.70 10.24 -12.94
C PRO B 152 -10.65 9.78 -13.92
N GLY B 153 -10.94 8.67 -14.58
CA GLY B 153 -9.95 7.93 -15.32
C GLY B 153 -9.26 6.86 -14.48
N ASP B 154 -9.13 7.11 -13.18
CA ASP B 154 -8.72 6.08 -12.23
C ASP B 154 -9.90 5.52 -11.45
N HIS B 155 -11.13 5.86 -11.84
CA HIS B 155 -12.31 5.28 -11.22
C HIS B 155 -12.33 3.77 -11.40
N VAL B 156 -12.45 3.30 -12.64
CA VAL B 156 -12.65 1.89 -12.94
C VAL B 156 -11.52 1.04 -12.34
N GLU B 157 -10.36 1.64 -12.10
CA GLU B 157 -9.33 0.97 -11.33
C GLU B 157 -9.80 0.70 -9.91
N MET B 158 -10.37 1.72 -9.25
CA MET B 158 -10.74 1.55 -7.85
C MET B 158 -12.02 0.74 -7.71
N ALA B 159 -13.02 1.00 -8.57
CA ALA B 159 -14.18 0.13 -8.64
C ALA B 159 -13.74 -1.31 -8.87
N GLU B 160 -12.67 -1.49 -9.66
CA GLU B 160 -12.09 -2.81 -9.80
C GLU B 160 -11.56 -3.32 -8.46
N GLN B 161 -10.90 -2.45 -7.71
CA GLN B 161 -10.21 -2.89 -6.50
C GLN B 161 -11.15 -3.19 -5.34
N LEU B 162 -12.33 -2.57 -5.31
CA LEU B 162 -13.35 -2.88 -4.32
C LEU B 162 -14.35 -3.90 -4.80
N GLY B 163 -14.20 -4.42 -6.01
CA GLY B 163 -15.19 -5.34 -6.57
C GLY B 163 -16.50 -4.64 -6.82
N MET B 164 -16.59 -3.86 -7.89
CA MET B 164 -17.79 -3.10 -8.19
C MET B 164 -18.11 -3.12 -9.69
N LEU B 211 -6.69 -11.29 -0.33
CA LEU B 211 -7.67 -10.25 -0.03
C LEU B 211 -7.02 -8.90 0.27
N GLU B 212 -5.69 -8.84 0.16
CA GLU B 212 -4.97 -7.62 0.45
C GLU B 212 -5.10 -6.64 -0.71
N ARG B 213 -4.93 -5.36 -0.39
CA ARG B 213 -5.14 -4.27 -1.33
C ARG B 213 -4.00 -3.27 -1.22
N SER B 214 -3.54 -2.83 -2.39
CA SER B 214 -2.40 -1.92 -2.46
C SER B 214 -2.37 -1.30 -3.86
N PHE B 215 -2.57 0.02 -3.96
CA PHE B 215 -2.54 0.64 -5.27
C PHE B 215 -2.37 2.15 -5.17
N PHE B 216 -2.16 2.76 -6.33
CA PHE B 216 -1.95 4.18 -6.49
C PHE B 216 -3.19 4.78 -7.12
N ILE B 217 -3.60 5.95 -6.63
CA ILE B 217 -4.73 6.70 -7.19
C ILE B 217 -4.37 8.18 -7.19
N ARG B 218 -5.31 9.01 -7.64
CA ARG B 218 -5.14 10.46 -7.64
C ARG B 218 -6.36 11.09 -6.95
N MET B 219 -6.12 11.83 -5.88
CA MET B 219 -7.17 12.40 -5.05
C MET B 219 -7.11 13.92 -5.05
N LYS B 220 -8.30 14.52 -5.06
CA LYS B 220 -8.48 15.97 -5.06
C LYS B 220 -7.69 16.65 -3.95
N SER B 221 -6.58 17.31 -4.30
CA SER B 221 -5.78 18.07 -3.35
C SER B 221 -6.00 19.56 -3.57
N THR B 222 -6.37 20.26 -2.51
CA THR B 222 -6.69 21.68 -2.62
C THR B 222 -5.60 22.55 -1.98
N LEU B 223 -4.35 22.24 -2.27
CA LEU B 223 -3.23 22.99 -1.69
C LEU B 223 -2.36 23.61 -2.77
N GLY B 234 -4.23 19.64 -9.96
CA GLY B 234 -5.07 19.70 -8.78
C GLY B 234 -5.39 18.34 -8.22
N TYR B 235 -4.41 17.44 -8.27
CA TYR B 235 -4.58 16.09 -7.75
C TYR B 235 -3.26 15.63 -7.14
N LYS B 236 -3.37 14.80 -6.10
CA LYS B 236 -2.23 14.17 -5.45
C LYS B 236 -2.18 12.68 -5.73
N VAL B 237 -0.97 12.15 -5.84
CA VAL B 237 -0.78 10.71 -6.03
C VAL B 237 -0.86 10.05 -4.66
N ILE B 238 -2.03 9.50 -4.33
CA ILE B 238 -2.26 8.87 -3.05
C ILE B 238 -1.96 7.38 -3.17
N HIS B 239 -1.03 6.88 -2.36
CA HIS B 239 -0.76 5.45 -2.28
C HIS B 239 -1.54 4.89 -1.10
N ILE B 240 -2.35 3.87 -1.35
CA ILE B 240 -3.16 3.29 -0.29
C ILE B 240 -2.81 1.82 -0.13
N THR B 241 -2.81 1.36 1.13
CA THR B 241 -2.67 -0.05 1.47
C THR B 241 -3.78 -0.40 2.47
N GLY B 242 -4.33 -1.59 2.35
CA GLY B 242 -5.43 -1.99 3.22
C GLY B 242 -5.98 -3.36 2.87
N ARG B 243 -7.16 -3.65 3.41
CA ARG B 243 -7.80 -4.94 3.19
C ARG B 243 -9.30 -4.78 3.03
N LEU B 244 -9.92 -5.74 2.34
CA LEU B 244 -11.23 -5.53 1.73
C LEU B 244 -12.37 -6.24 2.45
N ARG B 245 -12.12 -6.98 3.52
CA ARG B 245 -13.19 -7.71 4.21
C ARG B 245 -14.07 -8.53 3.28
N MET B 261 -17.42 -6.03 0.24
CA MET B 261 -18.24 -5.74 1.42
C MET B 261 -17.76 -4.48 2.14
N GLY B 262 -16.63 -3.94 1.70
CA GLY B 262 -16.09 -2.73 2.29
C GLY B 262 -14.60 -2.76 2.50
N LEU B 263 -13.90 -1.74 2.00
CA LEU B 263 -12.45 -1.63 2.12
C LEU B 263 -12.07 -0.81 3.35
N VAL B 264 -10.89 -1.10 3.88
CA VAL B 264 -10.33 -0.35 5.00
C VAL B 264 -8.87 -0.06 4.67
N VAL B 265 -8.46 1.19 4.81
CA VAL B 265 -7.26 1.67 4.13
C VAL B 265 -6.52 2.68 5.00
N VAL B 266 -5.19 2.53 5.07
CA VAL B 266 -4.29 3.63 5.40
C VAL B 266 -3.71 4.14 4.09
N ALA B 267 -3.56 5.45 3.99
CA ALA B 267 -3.16 6.10 2.74
C ALA B 267 -2.17 7.21 3.05
N HIS B 268 -1.16 7.34 2.21
CA HIS B 268 -0.19 8.42 2.38
C HIS B 268 0.03 9.13 1.05
N ALA B 269 0.42 10.39 1.15
CA ALA B 269 0.61 11.27 0.02
C ALA B 269 2.04 11.18 -0.50
N LEU B 270 2.34 11.93 -1.55
CA LEU B 270 3.67 11.98 -2.14
C LEU B 270 3.90 13.39 -2.66
N PRO B 271 5.16 13.86 -2.73
CA PRO B 271 5.46 15.25 -3.11
C PRO B 271 4.80 15.71 -4.41
N HIS B 283 20.53 6.21 5.27
CA HIS B 283 20.45 4.86 4.71
C HIS B 283 19.57 4.87 3.46
N MET B 284 19.90 5.79 2.55
CA MET B 284 19.14 5.98 1.33
C MET B 284 20.00 6.79 0.38
N PHE B 285 19.76 6.62 -0.92
CA PHE B 285 20.47 7.43 -1.91
C PHE B 285 19.59 7.68 -3.12
N VAL B 286 19.85 8.81 -3.78
CA VAL B 286 19.03 9.33 -4.87
C VAL B 286 19.74 9.06 -6.19
N THR B 287 18.99 8.58 -7.18
CA THR B 287 19.49 8.50 -8.54
C THR B 287 18.57 9.27 -9.48
N ARG B 288 19.16 10.00 -10.40
CA ARG B 288 18.45 10.57 -11.53
C ARG B 288 18.54 9.63 -12.72
N VAL B 289 17.40 9.36 -13.35
CA VAL B 289 17.34 8.47 -14.50
C VAL B 289 16.40 9.07 -15.55
N ASN B 290 16.54 8.56 -16.77
CA ASN B 290 15.66 8.93 -17.88
C ASN B 290 14.29 8.29 -17.64
N MET B 291 13.37 8.47 -18.59
CA MET B 291 12.07 7.81 -18.45
C MET B 291 12.17 6.31 -18.64
N ASP B 292 13.13 5.84 -19.44
CA ASP B 292 13.32 4.40 -19.60
C ASP B 292 14.13 3.79 -18.47
N LEU B 293 14.32 4.54 -17.38
CA LEU B 293 15.10 4.11 -16.22
C LEU B 293 16.58 3.92 -16.56
N ASN B 294 17.13 4.80 -17.38
CA ASN B 294 18.56 4.86 -17.64
C ASN B 294 19.21 5.78 -16.61
N ILE B 295 20.08 5.23 -15.77
CA ILE B 295 20.73 5.95 -14.68
C ILE B 295 21.47 7.17 -15.22
N ILE B 296 20.94 8.36 -14.95
CA ILE B 296 21.54 9.61 -15.41
C ILE B 296 22.59 10.06 -14.40
N TYR B 297 22.13 10.52 -13.23
CA TYR B 297 22.99 10.94 -12.13
C TYR B 297 22.86 9.95 -10.98
N CYS B 298 23.85 9.97 -10.09
CA CYS B 298 23.83 9.12 -8.90
C CYS B 298 24.67 9.74 -7.80
N GLU B 299 24.15 9.73 -6.58
CA GLU B 299 24.92 10.19 -5.42
C GLU B 299 26.12 9.28 -5.18
N ASN B 300 27.14 9.83 -4.51
CA ASN B 300 28.34 9.06 -4.22
C ASN B 300 28.07 7.99 -3.15
N ARG B 301 27.15 8.30 -2.22
CA ARG B 301 26.88 7.48 -1.04
C ARG B 301 26.57 6.02 -1.36
N ILE B 302 26.43 5.68 -2.65
CA ILE B 302 26.14 4.31 -3.03
C ILE B 302 27.35 3.42 -2.75
N SER B 303 28.55 3.98 -2.74
CA SER B 303 29.69 3.18 -2.31
C SER B 303 29.60 2.80 -0.85
N ASP B 304 28.79 3.52 -0.06
CA ASP B 304 28.51 3.11 1.31
C ASP B 304 27.89 1.72 1.34
N TYR B 305 26.93 1.48 0.44
CA TYR B 305 26.03 0.34 0.56
C TYR B 305 26.20 -0.70 -0.53
N MET B 306 26.81 -0.34 -1.67
CA MET B 306 26.87 -1.21 -2.83
C MET B 306 28.30 -1.28 -3.36
N ASP B 307 28.53 -2.27 -4.22
CA ASP B 307 29.87 -2.57 -4.69
C ASP B 307 30.34 -1.63 -5.79
N LEU B 308 29.41 -1.05 -6.54
CA LEU B 308 29.78 -0.14 -7.62
C LEU B 308 29.64 1.31 -7.18
N THR B 309 30.29 2.20 -7.95
CA THR B 309 30.32 3.63 -7.70
C THR B 309 29.62 4.35 -8.86
N PRO B 310 29.11 5.58 -8.63
CA PRO B 310 28.17 6.21 -9.60
C PRO B 310 28.61 6.31 -11.05
N VAL B 311 29.59 5.51 -11.48
CA VAL B 311 30.03 5.50 -12.87
C VAL B 311 29.75 4.14 -13.52
N ASP B 312 29.95 3.05 -12.80
CA ASP B 312 29.67 1.74 -13.35
C ASP B 312 28.20 1.33 -13.22
N ILE B 313 27.31 2.32 -13.08
CA ILE B 313 25.88 2.08 -13.15
C ILE B 313 25.27 3.09 -14.12
N VAL B 314 25.87 4.28 -14.20
CA VAL B 314 25.38 5.30 -15.14
C VAL B 314 25.68 4.85 -16.56
N GLY B 315 24.71 5.05 -17.45
CA GLY B 315 24.83 4.63 -18.82
C GLY B 315 23.88 3.49 -19.12
N LYS B 316 23.91 2.46 -18.30
CA LYS B 316 22.95 1.37 -18.40
C LYS B 316 21.67 1.72 -17.64
N ARG B 317 20.63 0.93 -17.87
CA ARG B 317 19.31 1.19 -17.29
C ARG B 317 19.09 0.34 -16.05
N CYS B 318 18.00 0.65 -15.34
CA CYS B 318 17.68 -0.07 -14.10
C CYS B 318 17.52 -1.56 -14.35
N TYR B 319 17.06 -1.95 -15.54
CA TYR B 319 16.64 -3.32 -15.77
C TYR B 319 17.80 -4.29 -15.86
N HIS B 320 19.01 -3.83 -16.19
CA HIS B 320 20.19 -4.67 -16.15
C HIS B 320 20.69 -4.93 -14.73
N PHE B 321 19.95 -4.48 -13.72
CA PHE B 321 20.37 -4.62 -12.33
C PHE B 321 19.31 -5.22 -11.42
N ILE B 322 18.04 -5.27 -11.82
CA ILE B 322 17.01 -5.86 -10.98
C ILE B 322 17.16 -7.38 -10.99
N HIS B 323 16.93 -8.01 -9.84
CA HIS B 323 16.87 -9.46 -9.80
C HIS B 323 15.76 -9.94 -10.72
N ALA B 324 16.10 -10.90 -11.59
CA ALA B 324 15.25 -11.26 -12.73
C ALA B 324 13.90 -11.83 -12.33
N GLU B 325 13.67 -12.15 -11.05
CA GLU B 325 12.34 -12.51 -10.60
C GLU B 325 11.50 -11.29 -10.22
N ASP B 326 12.14 -10.15 -9.98
CA ASP B 326 11.41 -8.92 -9.67
C ASP B 326 11.08 -8.08 -10.89
N VAL B 327 11.82 -8.26 -12.00
CA VAL B 327 11.68 -7.38 -13.16
C VAL B 327 10.22 -7.22 -13.58
N GLU B 328 9.40 -8.21 -13.27
CA GLU B 328 7.97 -8.13 -13.47
C GLU B 328 7.37 -7.01 -12.61
N GLY B 329 7.60 -7.06 -11.30
CA GLY B 329 7.07 -6.05 -10.40
C GLY B 329 7.57 -4.65 -10.70
N ILE B 330 8.90 -4.50 -10.81
CA ILE B 330 9.46 -3.20 -11.15
C ILE B 330 8.91 -2.70 -12.47
N ARG B 331 8.65 -3.61 -13.41
CA ARG B 331 8.01 -3.21 -14.67
C ARG B 331 6.65 -2.60 -14.41
N HIS B 332 5.82 -3.28 -13.61
CA HIS B 332 4.49 -2.74 -13.32
C HIS B 332 4.58 -1.38 -12.63
N SER B 333 5.50 -1.24 -11.67
CA SER B 333 5.68 0.07 -11.03
C SER B 333 6.10 1.12 -12.04
N HIS B 334 6.96 0.74 -12.99
CA HIS B 334 7.32 1.66 -14.08
C HIS B 334 6.07 2.13 -14.81
N LEU B 335 5.16 1.21 -15.10
CA LEU B 335 3.90 1.58 -15.74
C LEU B 335 3.14 2.61 -14.91
N ASP B 336 2.90 2.30 -13.64
CA ASP B 336 2.10 3.19 -12.79
C ASP B 336 2.74 4.56 -12.66
N LEU B 337 4.04 4.60 -12.40
CA LEU B 337 4.81 5.84 -12.46
C LEU B 337 4.52 6.60 -13.74
N LEU B 338 4.59 5.91 -14.87
CA LEU B 338 4.44 6.58 -16.16
C LEU B 338 3.07 7.22 -16.29
N ASN B 339 2.00 6.52 -15.90
CA ASN B 339 0.66 7.05 -16.14
C ASN B 339 0.17 8.02 -15.06
N LYS B 340 0.69 7.93 -13.83
CA LYS B 340 0.21 8.79 -12.75
C LYS B 340 1.26 9.75 -12.21
N GLY B 341 2.52 9.64 -12.64
CA GLY B 341 3.55 10.60 -12.30
C GLY B 341 4.39 10.25 -11.09
N GLN B 342 3.92 9.33 -10.24
CA GLN B 342 4.63 8.99 -9.00
C GLN B 342 4.42 7.50 -8.74
N CYS B 343 5.32 6.92 -7.94
CA CYS B 343 5.18 5.51 -7.60
C CYS B 343 6.07 5.15 -6.41
N VAL B 344 5.75 4.02 -5.80
CA VAL B 344 6.61 3.32 -4.86
C VAL B 344 6.68 1.87 -5.32
N THR B 345 7.90 1.33 -5.44
CA THR B 345 8.09 -0.03 -5.90
C THR B 345 7.96 -0.99 -4.71
N LYS B 346 7.96 -2.29 -5.00
CA LYS B 346 7.96 -3.30 -3.96
C LYS B 346 9.40 -3.62 -3.54
N TYR B 347 9.54 -4.28 -2.39
CA TYR B 347 10.86 -4.69 -1.94
C TYR B 347 11.52 -5.54 -3.02
N TYR B 348 12.55 -5.03 -3.68
CA TYR B 348 13.19 -5.78 -4.75
C TYR B 348 14.67 -5.99 -4.44
N ARG B 349 15.35 -6.66 -5.37
CA ARG B 349 16.74 -7.05 -5.18
C ARG B 349 17.59 -6.46 -6.30
N TRP B 350 18.57 -5.62 -5.92
CA TRP B 350 19.52 -5.02 -6.85
C TRP B 350 20.83 -5.81 -6.77
N MET B 351 21.16 -6.49 -7.87
CA MET B 351 22.35 -7.32 -7.93
C MET B 351 23.61 -6.49 -7.74
N GLN B 352 24.60 -7.08 -7.06
CA GLN B 352 25.89 -6.43 -6.85
C GLN B 352 26.85 -6.81 -7.97
N LYS B 353 27.98 -6.11 -8.04
CA LYS B 353 28.91 -6.36 -9.13
C LYS B 353 29.57 -7.73 -9.00
N ASN B 354 29.74 -8.22 -7.77
CA ASN B 354 30.45 -9.47 -7.51
C ASN B 354 29.53 -10.69 -7.47
N GLY B 355 28.32 -10.52 -6.95
CA GLY B 355 27.41 -11.62 -6.76
C GLY B 355 26.29 -11.25 -5.79
N GLY B 356 25.16 -11.94 -5.90
CA GLY B 356 24.05 -11.68 -5.01
C GLY B 356 23.24 -10.43 -5.35
N TYR B 357 22.91 -9.65 -4.33
CA TYR B 357 21.95 -8.55 -4.41
C TYR B 357 21.77 -7.94 -3.02
N ILE B 358 21.24 -6.72 -3.00
CA ILE B 358 20.80 -6.09 -1.76
C ILE B 358 19.39 -5.53 -1.98
N TRP B 359 18.62 -5.51 -0.89
CA TRP B 359 17.20 -5.20 -0.97
C TRP B 359 16.99 -3.69 -0.95
N ILE B 360 16.17 -3.20 -1.89
CA ILE B 360 15.89 -1.78 -2.05
C ILE B 360 14.38 -1.58 -2.16
N GLN B 361 13.93 -0.42 -1.69
CA GLN B 361 12.59 0.07 -1.98
C GLN B 361 12.66 1.54 -2.37
N SER B 362 12.15 1.87 -3.56
CA SER B 362 12.36 3.19 -4.15
C SER B 362 11.06 3.98 -4.24
N SER B 363 11.11 5.24 -3.81
CA SER B 363 10.07 6.23 -4.05
C SER B 363 10.48 7.07 -5.25
N ALA B 364 9.69 7.01 -6.32
CA ALA B 364 10.10 7.53 -7.62
C ALA B 364 9.10 8.56 -8.12
N THR B 365 9.62 9.61 -8.76
CA THR B 365 8.76 10.63 -9.35
C THR B 365 9.31 11.08 -10.70
N ILE B 366 8.47 11.84 -11.42
CA ILE B 366 8.74 12.33 -12.78
C ILE B 366 8.40 13.81 -12.89
N ALA B 367 8.80 14.40 -14.02
CA ALA B 367 8.56 15.79 -14.51
C ALA B 367 9.78 16.66 -14.28
N LYS B 376 11.80 16.27 -18.41
CA LYS B 376 11.37 15.30 -17.40
C LYS B 376 12.49 14.36 -17.03
N ASN B 377 12.82 14.34 -15.74
CA ASN B 377 13.81 13.43 -15.19
C ASN B 377 13.18 12.64 -14.05
N ILE B 378 13.28 11.30 -14.13
CA ILE B 378 12.84 10.48 -13.02
C ILE B 378 13.86 10.63 -11.90
N ILE B 379 13.36 10.85 -10.69
CA ILE B 379 14.21 10.77 -9.51
C ILE B 379 13.76 9.55 -8.73
N TRP B 380 14.74 8.81 -8.21
CA TRP B 380 14.57 7.44 -7.76
C TRP B 380 15.20 7.42 -6.37
N VAL B 381 14.35 7.43 -5.34
CA VAL B 381 14.78 7.55 -3.95
C VAL B 381 14.89 6.14 -3.39
N ASN B 382 16.12 5.64 -3.27
CA ASN B 382 16.36 4.25 -2.87
C ASN B 382 16.53 4.20 -1.36
N TYR B 383 15.52 3.67 -0.68
CA TYR B 383 15.64 3.27 0.72
C TYR B 383 16.31 1.91 0.82
N LEU B 384 17.39 1.86 1.59
CA LEU B 384 18.11 0.61 1.87
C LEU B 384 17.32 -0.26 2.84
N LEU B 385 17.38 -1.57 2.63
CA LEU B 385 16.68 -2.53 3.46
C LEU B 385 17.60 -3.54 4.14
N SER B 386 18.66 -3.99 3.48
CA SER B 386 19.51 -5.05 4.01
C SER B 386 20.92 -4.90 3.46
N ASN B 387 21.81 -5.73 3.99
CA ASN B 387 23.19 -5.81 3.52
C ASN B 387 23.28 -6.77 2.34
N PRO B 388 24.43 -6.85 1.67
CA PRO B 388 24.59 -7.84 0.59
C PRO B 388 24.40 -9.28 1.04
N GLU B 389 23.33 -9.90 0.57
CA GLU B 389 23.10 -11.32 0.80
C GLU B 389 23.78 -12.14 -0.30
N TYR B 390 24.11 -13.38 0.03
CA TYR B 390 24.54 -14.41 -0.92
C TYR B 390 25.53 -13.84 -1.95
N LYS B 391 26.67 -13.39 -1.45
CA LYS B 391 27.60 -12.62 -2.26
C LYS B 391 28.57 -13.47 -3.08
N ASP B 392 28.55 -14.80 -2.93
CA ASP B 392 29.49 -15.64 -3.67
C ASP B 392 29.01 -15.94 -5.09
N THR B 393 27.97 -16.74 -5.21
CA THR B 393 27.54 -17.22 -6.53
C THR B 393 27.08 -16.05 -7.39
N PRO B 394 27.50 -16.00 -8.66
CA PRO B 394 27.11 -14.90 -9.54
C PRO B 394 25.82 -15.21 -10.30
N MET B 395 24.93 -14.22 -10.36
CA MET B 395 23.65 -14.39 -11.05
C MET B 395 23.72 -13.94 -12.50
N ASP B 396 24.05 -12.66 -12.71
CA ASP B 396 24.07 -12.05 -14.04
C ASP B 396 25.45 -12.20 -14.69
N ILE B 397 25.51 -11.93 -15.99
CA ILE B 397 26.81 -11.88 -16.67
C ILE B 397 27.58 -10.62 -16.29
N ALA B 398 26.89 -9.59 -15.80
CA ALA B 398 27.56 -8.41 -15.26
C ALA B 398 28.31 -8.70 -13.98
N GLN B 399 28.29 -9.94 -13.50
CA GLN B 399 29.05 -10.35 -12.32
C GLN B 399 30.21 -11.28 -12.68
N LEU B 400 30.63 -11.30 -13.93
CA LEU B 400 31.77 -12.11 -14.35
C LEU B 400 32.73 -11.32 -15.21
#